data_8CV8
#
_entry.id   8CV8
#
_cell.length_a   44.851
_cell.length_b   79.250
_cell.length_c   56.019
_cell.angle_alpha   90.000
_cell.angle_beta   111.120
_cell.angle_gamma   90.000
#
_symmetry.space_group_name_H-M   'P 1 21 1'
#
loop_
_entity.id
_entity.type
_entity.pdbx_description
1 polymer 'Hyoscyamine 6-beta-hydroxylase'
2 non-polymer 'STRONTIUM ION'
3 non-polymer 1,2-ETHANEDIOL
4 non-polymer 'FORMIC ACID'
5 non-polymer 'FE (II) ION'
6 non-polymer '2-OXOGLUTARIC ACID'
7 non-polymer '[(1S,5R)-8-methyl-8-azabicyclo[3.2.1]octan-3-yl] (2S)-3-hydroxy-2-phenylpropanoate'
8 water water
#
_entity_poly.entity_id   1
_entity_poly.type   'polypeptide(L)'
_entity_poly.pdbx_seq_one_letter_code
;MATLVSNWSTNNVSESFVAPLEKRAENDVPLGNDVPIIDLQQDHLVVVQQITKACQDFGLFQVINHGLPEKLMAETMDVC
KEFFALPAEEKEKLQPKGEPAKFELPLEQKAKLYVEGEQLSDEAFLYWKDTLAHGCHPLDEELVNSWPEKPATYREVVAK
YSVEVRKLTMRILDYICEGLGLKLGYFDNELSQIQMMLTNYYPPCPDPSSTLGSGGHYDGNLITLLQQNLPGLQQLIEDA
KWIAVEPIPTAFVVNLGLTLKVITNEKFEGSIHRVVTNPTRDRVSIATLIGPDYSCTIEPAKELLSQDNPPLYKPYSYAE
FGEIYLSDKSDYDAGVKPYKINAGGKGPGDGPGGSGGPRGGENLYFQSGHHHHHHHHGGRGGAAA
;
_entity_poly.pdbx_strand_id   A
#
loop_
_chem_comp.id
_chem_comp.type
_chem_comp.name
_chem_comp.formula
AKG non-polymer '2-OXOGLUTARIC ACID' 'C5 H6 O5'
EDO non-polymer 1,2-ETHANEDIOL 'C2 H6 O2'
FE2 non-polymer 'FE (II) ION' 'Fe 2'
FMT non-polymer 'FORMIC ACID' 'C H2 O2'
HYO non-polymer '[(1S,5R)-8-methyl-8-azabicyclo[3.2.1]octan-3-yl] (2S)-3-hydroxy-2-phenylpropanoate' 'C17 H23 N O3'
SR non-polymer 'STRONTIUM ION' 'Sr 2'
#
# COMPACT_ATOMS: atom_id res chain seq x y z
N SER A 14 24.85 -10.71 2.07
CA SER A 14 24.51 -11.62 0.93
C SER A 14 24.29 -10.79 -0.34
N GLU A 15 24.93 -11.18 -1.44
CA GLU A 15 24.88 -10.48 -2.77
C GLU A 15 23.42 -10.35 -3.24
N SER A 16 22.58 -11.34 -2.93
CA SER A 16 21.17 -11.41 -3.39
C SER A 16 20.39 -10.16 -2.97
N PHE A 17 20.80 -9.48 -1.90
CA PHE A 17 20.05 -8.34 -1.29
C PHE A 17 20.72 -6.99 -1.60
N VAL A 18 21.83 -6.99 -2.35
CA VAL A 18 22.57 -5.74 -2.69
C VAL A 18 21.81 -5.00 -3.80
N ALA A 19 21.29 -3.81 -3.48
CA ALA A 19 20.56 -2.94 -4.42
C ALA A 19 21.57 -2.31 -5.38
N PRO A 20 21.15 -1.99 -6.63
CA PRO A 20 21.99 -1.22 -7.55
C PRO A 20 22.42 0.10 -6.90
N LEU A 21 23.63 0.57 -7.21
CA LEU A 21 24.24 1.77 -6.58
C LEU A 21 23.22 2.93 -6.54
N GLU A 22 22.55 3.23 -7.65
CA GLU A 22 21.67 4.41 -7.79
C GLU A 22 20.42 4.29 -6.90
N LYS A 23 20.03 3.08 -6.51
CA LYS A 23 18.78 2.84 -5.73
C LYS A 23 19.08 2.80 -4.23
N ARG A 24 20.36 2.76 -3.83
CA ARG A 24 20.74 2.71 -2.40
C ARG A 24 20.30 4.00 -1.71
N ALA A 25 19.81 3.89 -0.48
CA ALA A 25 19.33 5.03 0.34
C ALA A 25 20.53 5.73 0.96
N GLU A 26 20.54 7.07 0.96
CA GLU A 26 21.54 7.87 1.72
C GLU A 26 21.20 7.78 3.21
N ASN A 27 22.20 7.93 4.08
CA ASN A 27 22.14 7.57 5.52
C ASN A 27 21.26 8.54 6.31
N ASP A 28 21.16 9.80 5.87
CA ASP A 28 20.48 10.89 6.63
C ASP A 28 19.41 11.54 5.75
N VAL A 29 18.24 10.92 5.69
CA VAL A 29 17.06 11.41 4.94
C VAL A 29 16.25 12.30 5.90
N PRO A 30 15.91 13.53 5.51
CA PRO A 30 15.22 14.46 6.42
C PRO A 30 13.75 14.09 6.61
N LEU A 31 13.19 14.44 7.77
CA LEU A 31 11.75 14.29 8.06
C LEU A 31 10.96 15.14 7.05
N GLY A 32 9.91 14.55 6.49
CA GLY A 32 8.90 15.27 5.69
C GLY A 32 8.00 16.08 6.60
N ASN A 33 8.39 17.33 6.87
CA ASN A 33 7.63 18.26 7.75
C ASN A 33 6.33 18.69 7.05
N ASP A 34 6.30 18.63 5.71
CA ASP A 34 5.15 19.06 4.87
C ASP A 34 4.21 17.88 4.57
N VAL A 35 4.44 16.70 5.15
CA VAL A 35 3.47 15.58 5.04
C VAL A 35 2.21 15.99 5.78
N PRO A 36 1.05 16.14 5.10
CA PRO A 36 -0.18 16.54 5.78
C PRO A 36 -0.62 15.50 6.82
N ILE A 37 -0.98 15.98 8.01
CA ILE A 37 -1.61 15.15 9.08
C ILE A 37 -3.05 15.66 9.26
N ILE A 38 -4.02 14.91 8.74
CA ILE A 38 -5.41 15.40 8.56
C ILE A 38 -6.30 14.82 9.66
N ASP A 39 -6.87 15.70 10.49
CA ASP A 39 -7.80 15.35 11.58
C ASP A 39 -9.19 15.15 10.98
N LEU A 40 -9.70 13.91 10.97
CA LEU A 40 -10.99 13.58 10.32
C LEU A 40 -12.17 14.04 11.21
N GLN A 41 -11.92 14.57 12.40
CA GLN A 41 -12.99 15.11 13.28
C GLN A 41 -13.08 16.63 13.16
N GLN A 42 -12.40 17.23 12.18
CA GLN A 42 -12.68 18.62 11.76
C GLN A 42 -14.05 18.66 11.08
N ASP A 43 -14.54 19.86 10.76
CA ASP A 43 -15.81 20.05 10.00
C ASP A 43 -15.69 19.33 8.66
N HIS A 44 -16.79 18.76 8.18
CA HIS A 44 -16.85 17.90 6.96
C HIS A 44 -16.14 18.58 5.79
N LEU A 45 -16.50 19.82 5.46
CA LEU A 45 -15.95 20.53 4.27
C LEU A 45 -14.44 20.75 4.47
N VAL A 46 -14.00 21.07 5.68
CA VAL A 46 -12.55 21.27 5.98
C VAL A 46 -11.82 19.95 5.67
N VAL A 47 -12.36 18.82 6.12
CA VAL A 47 -11.74 17.49 5.86
C VAL A 47 -11.67 17.25 4.35
N VAL A 48 -12.77 17.49 3.62
CA VAL A 48 -12.79 17.31 2.14
C VAL A 48 -11.68 18.18 1.52
N GLN A 49 -11.59 19.44 1.91
CA GLN A 49 -10.63 20.40 1.31
C GLN A 49 -9.19 19.97 1.63
N GLN A 50 -8.90 19.59 2.87
CA GLN A 50 -7.53 19.21 3.29
C GLN A 50 -7.12 17.91 2.57
N ILE A 51 -8.01 16.93 2.50
CA ILE A 51 -7.71 15.66 1.78
C ILE A 51 -7.47 15.99 0.30
N THR A 52 -8.33 16.82 -0.31
CA THR A 52 -8.24 17.16 -1.75
C THR A 52 -6.86 17.76 -2.01
N LYS A 53 -6.42 18.72 -1.19
CA LYS A 53 -5.13 19.42 -1.35
C LYS A 53 -3.97 18.41 -1.24
N ALA A 54 -4.02 17.51 -0.26
CA ALA A 54 -2.95 16.49 -0.05
C ALA A 54 -2.88 15.55 -1.26
N CYS A 55 -4.04 15.16 -1.80
CA CYS A 55 -4.14 14.24 -2.96
C CYS A 55 -3.55 14.91 -4.21
N GLN A 56 -3.82 16.20 -4.40
CA GLN A 56 -3.36 16.99 -5.58
C GLN A 56 -1.84 17.19 -5.51
N ASP A 57 -1.30 17.43 -4.31
CA ASP A 57 0.06 18.00 -4.12
C ASP A 57 1.07 16.89 -3.79
N PHE A 58 0.66 15.85 -3.07
CA PHE A 58 1.61 14.86 -2.47
C PHE A 58 1.21 13.41 -2.81
N GLY A 59 -0.07 13.05 -2.70
CA GLY A 59 -0.53 11.66 -2.87
C GLY A 59 -0.27 10.80 -1.65
N LEU A 60 0.29 11.39 -0.58
CA LEU A 60 0.54 10.69 0.71
C LEU A 60 0.19 11.67 1.82
N PHE A 61 -0.63 11.23 2.77
CA PHE A 61 -1.00 12.03 3.97
C PHE A 61 -1.30 11.05 5.10
N GLN A 62 -1.32 11.54 6.32
CA GLN A 62 -1.72 10.73 7.49
C GLN A 62 -3.10 11.19 7.92
N VAL A 63 -3.88 10.27 8.49
CA VAL A 63 -5.21 10.61 9.07
C VAL A 63 -5.15 10.28 10.57
N ILE A 64 -5.65 11.20 11.38
CA ILE A 64 -5.80 11.01 12.85
C ILE A 64 -7.26 11.23 13.23
N ASN A 65 -7.63 10.81 14.44
CA ASN A 65 -9.03 10.85 14.95
C ASN A 65 -9.93 10.27 13.86
N HIS A 66 -9.54 9.13 13.29
CA HIS A 66 -10.10 8.54 12.05
C HIS A 66 -11.25 7.58 12.35
N GLY A 67 -11.58 7.35 13.62
CA GLY A 67 -12.75 6.56 14.03
C GLY A 67 -12.47 5.07 14.12
N LEU A 68 -11.26 4.63 13.77
CA LEU A 68 -10.87 3.20 13.90
C LEU A 68 -10.32 3.01 15.30
N PRO A 69 -10.80 2.03 16.10
CA PRO A 69 -10.36 1.93 17.49
C PRO A 69 -8.85 1.78 17.66
N GLU A 70 -8.26 2.66 18.47
CA GLU A 70 -6.82 2.63 18.81
C GLU A 70 -6.47 1.27 19.44
N LYS A 71 -7.33 0.73 20.30
CA LYS A 71 -7.08 -0.57 20.97
C LYS A 71 -6.98 -1.67 19.90
N LEU A 72 -7.87 -1.66 18.90
CA LEU A 72 -7.84 -2.65 17.80
C LEU A 72 -6.55 -2.49 16.99
N MET A 73 -6.13 -1.25 16.71
CA MET A 73 -4.85 -1.00 15.99
C MET A 73 -3.71 -1.68 16.76
N ALA A 74 -3.68 -1.52 18.09
CA ALA A 74 -2.60 -2.07 18.95
C ALA A 74 -2.68 -3.60 18.97
N GLU A 75 -3.89 -4.15 19.09
CA GLU A 75 -4.10 -5.62 19.14
C GLU A 75 -3.70 -6.25 17.81
N THR A 76 -3.95 -5.55 16.70
CA THR A 76 -3.62 -6.07 15.35
C THR A 76 -2.09 -6.02 15.17
N MET A 77 -1.44 -4.92 15.53
CA MET A 77 0.05 -4.84 15.45
C MET A 77 0.64 -5.94 16.35
N ASP A 78 0.04 -6.20 17.51
CA ASP A 78 0.53 -7.23 18.46
C ASP A 78 0.48 -8.61 17.81
N VAL A 79 -0.65 -8.96 17.19
CA VAL A 79 -0.85 -10.35 16.65
C VAL A 79 -0.02 -10.51 15.37
N CYS A 80 0.18 -9.43 14.61
CA CYS A 80 1.05 -9.43 13.41
C CYS A 80 2.51 -9.66 13.85
N LYS A 81 2.96 -9.00 14.91
CA LYS A 81 4.32 -9.22 15.46
C LYS A 81 4.43 -10.65 15.99
N GLU A 82 3.37 -11.13 16.66
CA GLU A 82 3.34 -12.50 17.23
C GLU A 82 3.47 -13.52 16.08
N PHE A 83 2.81 -13.26 14.95
CA PHE A 83 2.91 -14.15 13.76
C PHE A 83 4.39 -14.25 13.35
N PHE A 84 5.08 -13.12 13.23
CA PHE A 84 6.46 -13.11 12.68
C PHE A 84 7.45 -13.68 13.71
N ALA A 85 7.03 -13.84 14.97
CA ALA A 85 7.84 -14.47 16.04
C ALA A 85 7.63 -15.99 16.06
N LEU A 86 6.67 -16.53 15.28
CA LEU A 86 6.40 -17.99 15.21
C LEU A 86 7.65 -18.72 14.71
N PRO A 87 7.84 -19.99 15.11
CA PRO A 87 8.99 -20.76 14.62
C PRO A 87 8.84 -21.16 13.14
N ALA A 88 9.96 -21.56 12.53
CA ALA A 88 10.05 -22.01 11.12
C ALA A 88 8.98 -23.05 10.80
N GLU A 89 8.77 -24.05 11.66
CA GLU A 89 7.86 -25.19 11.37
C GLU A 89 6.44 -24.66 11.14
N GLU A 90 6.07 -23.54 11.78
CA GLU A 90 4.72 -22.93 11.61
C GLU A 90 4.71 -22.09 10.33
N LYS A 91 5.74 -21.30 10.10
CA LYS A 91 5.80 -20.39 8.91
C LYS A 91 5.86 -21.21 7.62
N GLU A 92 6.44 -22.42 7.65
CA GLU A 92 6.53 -23.31 6.45
C GLU A 92 5.13 -23.62 5.92
N LYS A 93 4.12 -23.62 6.78
CA LYS A 93 2.73 -23.96 6.38
C LYS A 93 2.20 -22.91 5.39
N LEU A 94 2.84 -21.74 5.30
CA LEU A 94 2.42 -20.64 4.39
C LEU A 94 3.43 -20.45 3.25
N GLN A 95 4.34 -21.41 3.05
CA GLN A 95 5.32 -21.40 1.95
C GLN A 95 4.96 -22.51 0.98
N PRO A 96 4.26 -22.19 -0.15
CA PRO A 96 3.87 -23.22 -1.11
C PRO A 96 5.10 -23.94 -1.68
N LYS A 97 5.10 -25.27 -1.63
CA LYS A 97 6.17 -26.14 -2.17
C LYS A 97 7.50 -25.75 -1.54
N GLY A 98 7.47 -25.32 -0.28
CA GLY A 98 8.66 -25.15 0.56
C GLY A 98 9.32 -23.78 0.45
N GLU A 99 8.78 -22.84 -0.34
CA GLU A 99 9.41 -21.49 -0.47
C GLU A 99 8.33 -20.43 -0.51
N PRO A 100 8.67 -19.17 -0.16
CA PRO A 100 7.71 -18.07 -0.27
C PRO A 100 7.15 -17.95 -1.69
N ALA A 101 5.89 -17.53 -1.79
CA ALA A 101 5.20 -17.20 -3.04
C ALA A 101 5.80 -15.92 -3.62
N LYS A 102 5.53 -15.65 -4.89
CA LYS A 102 5.94 -14.40 -5.57
C LYS A 102 4.69 -13.55 -5.82
N PHE A 103 4.87 -12.22 -5.79
CA PHE A 103 3.83 -11.26 -6.24
C PHE A 103 3.79 -11.34 -7.77
N GLU A 104 2.88 -12.18 -8.28
CA GLU A 104 2.66 -12.44 -9.72
C GLU A 104 1.22 -12.92 -9.86
N LEU A 105 0.58 -12.65 -11.00
CA LEU A 105 -0.80 -13.12 -11.27
C LEU A 105 -0.73 -14.58 -11.69
N PRO A 106 -1.66 -15.46 -11.25
CA PRO A 106 -2.77 -15.07 -10.38
C PRO A 106 -2.33 -14.83 -8.92
N LEU A 107 -2.79 -13.73 -8.31
CA LEU A 107 -2.51 -13.41 -6.89
C LEU A 107 -3.69 -13.90 -6.05
N GLU A 108 -3.53 -15.07 -5.44
CA GLU A 108 -4.60 -15.77 -4.67
C GLU A 108 -4.85 -15.02 -3.36
N GLN A 109 -6.04 -15.16 -2.80
CA GLN A 109 -6.43 -14.42 -1.57
C GLN A 109 -6.18 -15.27 -0.33
N LYS A 110 -5.85 -16.56 -0.47
CA LYS A 110 -5.42 -17.39 0.67
C LYS A 110 -4.12 -16.82 1.23
N ALA A 111 -3.87 -17.01 2.53
CA ALA A 111 -2.65 -16.50 3.20
C ALA A 111 -1.43 -17.24 2.66
N LYS A 112 -0.41 -16.48 2.28
CA LYS A 112 0.94 -17.00 1.93
C LYS A 112 1.99 -16.05 2.48
N LEU A 113 3.18 -16.57 2.70
CA LEU A 113 4.40 -15.73 2.88
C LEU A 113 5.01 -15.50 1.49
N TYR A 114 5.45 -14.27 1.24
CA TYR A 114 5.93 -13.79 -0.07
C TYR A 114 7.35 -13.25 0.06
N VAL A 115 8.13 -13.44 -1.00
CA VAL A 115 9.44 -12.80 -1.25
C VAL A 115 9.21 -11.75 -2.34
N GLU A 116 10.01 -10.69 -2.38
CA GLU A 116 9.84 -9.61 -3.37
C GLU A 116 11.21 -9.01 -3.70
N GLY A 117 11.38 -8.57 -4.94
CA GLY A 117 12.60 -7.90 -5.41
C GLY A 117 12.38 -7.32 -6.79
N GLU A 118 13.48 -7.05 -7.50
CA GLU A 118 13.49 -6.49 -8.87
C GLU A 118 14.29 -7.44 -9.76
N GLN A 119 13.86 -7.62 -11.02
CA GLN A 119 14.57 -8.37 -12.07
C GLN A 119 14.90 -7.44 -13.23
N ALA A 124 19.34 -7.70 -10.78
CA ALA A 124 18.30 -8.43 -10.02
C ALA A 124 18.72 -8.56 -8.56
N PHE A 125 17.87 -8.15 -7.62
CA PHE A 125 18.13 -8.26 -6.17
C PHE A 125 16.81 -8.47 -5.41
N LEU A 126 16.91 -8.87 -4.15
CA LEU A 126 15.74 -9.11 -3.27
C LEU A 126 15.63 -7.97 -2.26
N TYR A 127 14.40 -7.63 -1.91
CA TYR A 127 14.08 -6.68 -0.82
C TYR A 127 14.27 -7.40 0.52
N TRP A 128 14.81 -6.68 1.50
CA TRP A 128 15.09 -7.19 2.87
C TRP A 128 13.78 -7.19 3.68
N LYS A 129 12.92 -8.17 3.40
CA LYS A 129 11.49 -8.15 3.80
C LYS A 129 10.91 -9.56 3.70
N ASP A 130 10.10 -9.95 4.69
CA ASP A 130 9.13 -11.06 4.56
C ASP A 130 7.74 -10.42 4.60
N THR A 131 6.83 -10.83 3.71
CA THR A 131 5.46 -10.30 3.67
C THR A 131 4.46 -11.45 3.81
N LEU A 132 3.59 -11.35 4.81
CA LEU A 132 2.38 -12.20 4.89
C LEU A 132 1.29 -11.44 4.13
N ALA A 133 0.62 -12.07 3.18
CA ALA A 133 -0.48 -11.43 2.42
C ALA A 133 -1.68 -12.37 2.34
N HIS A 134 -2.87 -11.80 2.42
CA HIS A 134 -4.15 -12.49 2.17
C HIS A 134 -5.21 -11.47 1.78
N GLY A 135 -6.24 -11.94 1.10
CA GLY A 135 -7.46 -11.14 0.85
C GLY A 135 -8.28 -10.99 2.12
N CYS A 136 -9.12 -9.97 2.16
CA CYS A 136 -9.95 -9.61 3.34
C CYS A 136 -11.40 -9.31 2.96
N HIS A 137 -11.78 -9.33 1.69
CA HIS A 137 -13.12 -8.84 1.27
C HIS A 137 -13.65 -9.62 0.06
N PRO A 138 -14.91 -10.11 0.10
CA PRO A 138 -15.72 -10.12 1.32
C PRO A 138 -15.26 -11.19 2.31
N LEU A 139 -15.55 -10.99 3.60
CA LEU A 139 -15.24 -11.97 4.67
C LEU A 139 -16.28 -13.10 4.61
N ASP A 140 -15.81 -14.32 4.36
CA ASP A 140 -16.63 -15.56 4.50
C ASP A 140 -15.75 -16.64 5.13
N GLU A 141 -16.36 -17.77 5.49
CA GLU A 141 -15.69 -18.88 6.22
C GLU A 141 -14.52 -19.41 5.39
N GLU A 142 -14.71 -19.57 4.07
CA GLU A 142 -13.68 -20.10 3.14
C GLU A 142 -12.43 -19.20 3.21
N LEU A 143 -12.61 -17.89 3.13
CA LEU A 143 -11.47 -16.94 3.12
C LEU A 143 -10.76 -16.98 4.48
N VAL A 144 -11.50 -16.84 5.58
CA VAL A 144 -10.89 -16.74 6.95
C VAL A 144 -10.23 -18.09 7.29
N ASN A 145 -10.78 -19.22 6.81
CA ASN A 145 -10.20 -20.56 7.05
C ASN A 145 -8.88 -20.72 6.28
N SER A 146 -8.60 -19.83 5.31
CA SER A 146 -7.35 -19.83 4.51
C SER A 146 -6.34 -18.86 5.10
N TRP A 147 -6.68 -18.21 6.22
CA TRP A 147 -5.76 -17.31 6.97
C TRP A 147 -4.84 -18.15 7.88
N PRO A 148 -3.83 -17.52 8.49
CA PRO A 148 -2.95 -18.22 9.44
C PRO A 148 -3.74 -18.88 10.59
N GLU A 149 -3.36 -20.10 10.94
CA GLU A 149 -3.96 -20.85 12.09
C GLU A 149 -3.39 -20.32 13.40
N LYS A 150 -2.14 -19.84 13.38
CA LYS A 150 -1.44 -19.26 14.55
C LYS A 150 -1.02 -17.84 14.19
N PRO A 151 -0.95 -16.91 15.16
CA PRO A 151 -1.41 -17.14 16.54
C PRO A 151 -2.93 -17.37 16.64
N ALA A 152 -3.37 -17.95 17.74
CA ALA A 152 -4.77 -18.41 17.93
C ALA A 152 -5.76 -17.28 17.65
N THR A 153 -5.42 -16.03 18.01
CA THR A 153 -6.34 -14.87 17.94
C THR A 153 -6.18 -14.11 16.62
N TYR A 154 -5.26 -14.52 15.74
CA TYR A 154 -5.03 -13.79 14.46
C TYR A 154 -6.36 -13.60 13.71
N ARG A 155 -7.12 -14.66 13.48
CA ARG A 155 -8.34 -14.60 12.63
C ARG A 155 -9.36 -13.68 13.27
N GLU A 156 -9.61 -13.80 14.57
CA GLU A 156 -10.61 -12.98 15.30
C GLU A 156 -10.25 -11.50 15.16
N VAL A 157 -9.01 -11.15 15.48
CA VAL A 157 -8.54 -9.73 15.54
C VAL A 157 -8.52 -9.16 14.13
N VAL A 158 -7.93 -9.88 13.18
CA VAL A 158 -7.70 -9.35 11.80
C VAL A 158 -9.03 -9.28 11.04
N ALA A 159 -10.01 -10.14 11.34
CA ALA A 159 -11.36 -10.05 10.75
C ALA A 159 -11.96 -8.68 11.15
N LYS A 160 -11.86 -8.31 12.42
CA LYS A 160 -12.40 -7.03 12.96
C LYS A 160 -11.62 -5.86 12.33
N TYR A 161 -10.30 -5.97 12.30
CA TYR A 161 -9.41 -4.92 11.73
C TYR A 161 -9.74 -4.69 10.25
N SER A 162 -9.86 -5.78 9.48
CA SER A 162 -10.15 -5.76 8.03
C SER A 162 -11.39 -4.91 7.77
N VAL A 163 -12.47 -5.21 8.51
CA VAL A 163 -13.78 -4.53 8.35
C VAL A 163 -13.62 -3.05 8.69
N GLU A 164 -12.94 -2.74 9.78
CA GLU A 164 -12.74 -1.35 10.25
C GLU A 164 -11.88 -0.58 9.25
N VAL A 165 -10.79 -1.18 8.75
CA VAL A 165 -9.89 -0.46 7.81
C VAL A 165 -10.67 -0.22 6.52
N ARG A 166 -11.49 -1.18 6.08
CA ARG A 166 -12.30 -0.99 4.86
C ARG A 166 -13.26 0.18 5.08
N LYS A 167 -13.94 0.23 6.23
CA LYS A 167 -14.91 1.31 6.55
C LYS A 167 -14.20 2.66 6.44
N LEU A 168 -13.00 2.78 7.02
CA LEU A 168 -12.25 4.06 7.01
C LEU A 168 -11.82 4.38 5.58
N THR A 169 -11.37 3.38 4.82
CA THR A 169 -10.95 3.58 3.40
C THR A 169 -12.13 4.11 2.58
N MET A 170 -13.31 3.53 2.75
CA MET A 170 -14.50 3.96 1.95
C MET A 170 -14.90 5.38 2.37
N ARG A 171 -14.74 5.77 3.64
CA ARG A 171 -14.98 7.18 4.08
C ARG A 171 -14.02 8.09 3.32
N ILE A 172 -12.74 7.72 3.27
CA ILE A 172 -11.70 8.56 2.61
C ILE A 172 -12.01 8.63 1.11
N LEU A 173 -12.44 7.53 0.49
CA LEU A 173 -12.77 7.54 -0.97
C LEU A 173 -13.97 8.47 -1.22
N ASP A 174 -14.91 8.59 -0.28
CA ASP A 174 -16.09 9.48 -0.47
C ASP A 174 -15.68 10.94 -0.24
N TYR A 175 -14.74 11.22 0.65
CA TYR A 175 -14.13 12.57 0.77
C TYR A 175 -13.49 12.93 -0.58
N ILE A 176 -12.78 11.96 -1.17
CA ILE A 176 -12.07 12.11 -2.47
C ILE A 176 -13.12 12.39 -3.57
N CYS A 177 -14.25 11.70 -3.55
CA CYS A 177 -15.35 11.87 -4.53
C CYS A 177 -15.83 13.32 -4.48
N GLU A 178 -16.11 13.84 -3.28
CA GLU A 178 -16.60 15.23 -3.11
C GLU A 178 -15.54 16.21 -3.63
N GLY A 179 -14.27 15.97 -3.31
CA GLY A 179 -13.14 16.80 -3.78
C GLY A 179 -13.05 16.86 -5.30
N LEU A 180 -13.32 15.75 -5.98
CA LEU A 180 -13.19 15.60 -7.46
C LEU A 180 -14.46 16.05 -8.18
N GLY A 181 -15.60 16.06 -7.47
CA GLY A 181 -16.92 16.33 -8.07
C GLY A 181 -17.50 15.06 -8.70
N LEU A 182 -17.09 13.89 -8.23
CA LEU A 182 -17.71 12.58 -8.57
C LEU A 182 -18.83 12.30 -7.57
N LYS A 183 -19.85 11.55 -8.00
CA LYS A 183 -20.97 11.11 -7.13
C LYS A 183 -20.38 10.33 -5.94
N LEU A 184 -20.94 10.48 -4.74
CA LEU A 184 -20.60 9.62 -3.58
C LEU A 184 -20.78 8.16 -4.01
N GLY A 185 -19.88 7.28 -3.57
CA GLY A 185 -19.93 5.84 -3.87
C GLY A 185 -19.31 5.48 -5.21
N TYR A 186 -18.67 6.43 -5.90
CA TYR A 186 -18.03 6.20 -7.23
C TYR A 186 -17.10 4.98 -7.18
N PHE A 187 -16.43 4.77 -6.05
CA PHE A 187 -15.40 3.70 -5.89
C PHE A 187 -15.95 2.51 -5.08
N ASP A 188 -17.22 2.57 -4.68
CA ASP A 188 -17.90 1.52 -3.85
C ASP A 188 -18.51 0.47 -4.79
N ASN A 189 -17.65 -0.25 -5.51
CA ASN A 189 -18.03 -1.17 -6.61
C ASN A 189 -16.80 -2.00 -6.98
N GLU A 190 -16.71 -2.47 -8.23
CA GLU A 190 -15.59 -3.32 -8.73
C GLU A 190 -14.24 -2.65 -8.48
N LEU A 191 -14.18 -1.31 -8.39
CA LEU A 191 -12.91 -0.56 -8.25
C LEU A 191 -12.28 -0.74 -6.86
N SER A 192 -13.02 -1.27 -5.89
CA SER A 192 -12.51 -1.48 -4.50
C SER A 192 -12.76 -2.92 -4.01
N GLN A 193 -13.01 -3.87 -4.91
CA GLN A 193 -13.52 -5.21 -4.48
C GLN A 193 -12.39 -6.07 -3.93
N ILE A 194 -11.13 -5.79 -4.26
CA ILE A 194 -9.96 -6.54 -3.71
C ILE A 194 -9.37 -5.77 -2.52
N GLN A 195 -9.22 -6.43 -1.39
CA GLN A 195 -8.58 -5.87 -0.18
C GLN A 195 -7.48 -6.84 0.24
N MET A 196 -6.24 -6.55 -0.14
CA MET A 196 -5.07 -7.37 0.24
C MET A 196 -4.45 -6.75 1.49
N MET A 197 -4.37 -7.52 2.56
CA MET A 197 -3.63 -7.12 3.78
C MET A 197 -2.24 -7.72 3.72
N LEU A 198 -1.23 -6.85 3.63
CA LEU A 198 0.19 -7.20 3.58
C LEU A 198 0.80 -6.81 4.92
N THR A 199 1.17 -7.82 5.73
CA THR A 199 1.94 -7.62 6.97
C THR A 199 3.42 -7.76 6.61
N ASN A 200 4.16 -6.67 6.71
CA ASN A 200 5.57 -6.60 6.26
C ASN A 200 6.48 -6.70 7.48
N TYR A 201 7.43 -7.62 7.44
CA TYR A 201 8.44 -7.83 8.49
C TYR A 201 9.81 -7.47 7.90
N TYR A 202 10.46 -6.48 8.51
CA TYR A 202 11.83 -6.00 8.16
C TYR A 202 12.77 -6.38 9.30
N PRO A 203 13.49 -7.52 9.21
CA PRO A 203 14.43 -7.89 10.26
C PRO A 203 15.64 -6.96 10.23
N PRO A 204 16.42 -6.87 11.31
CA PRO A 204 17.63 -6.05 11.30
C PRO A 204 18.53 -6.47 10.14
N CYS A 205 19.25 -5.50 9.56
CA CYS A 205 20.15 -5.69 8.40
C CYS A 205 21.55 -5.24 8.76
N PRO A 206 22.58 -6.12 8.66
CA PRO A 206 23.96 -5.76 8.97
C PRO A 206 24.55 -4.63 8.09
N ASP A 207 24.02 -4.42 6.88
CA ASP A 207 24.50 -3.36 5.95
C ASP A 207 23.32 -2.61 5.35
N PRO A 208 22.73 -1.63 6.08
CA PRO A 208 21.64 -0.82 5.55
C PRO A 208 22.03 0.09 4.36
N SER A 209 23.32 0.39 4.19
CA SER A 209 23.84 1.25 3.10
C SER A 209 23.67 0.58 1.74
N SER A 210 23.52 -0.75 1.69
CA SER A 210 23.52 -1.54 0.42
C SER A 210 22.15 -2.16 0.12
N THR A 211 21.21 -2.14 1.07
CA THR A 211 19.95 -2.92 0.98
C THR A 211 18.74 -1.98 0.98
N LEU A 212 17.58 -2.50 0.57
CA LEU A 212 16.28 -1.80 0.76
C LEU A 212 15.28 -2.78 1.37
N GLY A 213 14.52 -2.32 2.37
CA GLY A 213 13.38 -3.07 2.91
C GLY A 213 12.33 -3.25 1.83
N SER A 214 12.11 -2.19 1.05
CA SER A 214 11.11 -2.14 -0.04
C SER A 214 11.61 -1.14 -1.07
N GLY A 215 11.82 -1.56 -2.31
CA GLY A 215 12.25 -0.65 -3.38
C GLY A 215 11.22 0.44 -3.63
N GLY A 216 11.65 1.58 -4.15
CA GLY A 216 10.77 2.69 -4.55
C GLY A 216 9.67 2.19 -5.48
N HIS A 217 8.42 2.53 -5.18
CA HIS A 217 7.24 2.07 -5.96
C HIS A 217 6.06 2.97 -5.69
N TYR A 218 5.15 3.07 -6.67
CA TYR A 218 3.72 3.29 -6.42
C TYR A 218 3.10 1.97 -5.98
N ASP A 219 2.09 2.01 -5.12
CA ASP A 219 1.14 0.89 -4.97
C ASP A 219 0.29 0.87 -6.25
N GLY A 220 0.16 -0.29 -6.88
CA GLY A 220 -0.51 -0.37 -8.20
C GLY A 220 -2.02 -0.23 -8.09
N ASN A 221 -2.56 -0.44 -6.90
CA ASN A 221 -4.02 -0.51 -6.61
C ASN A 221 -4.60 0.91 -6.52
N LEU A 222 -5.79 1.04 -5.93
CA LEU A 222 -6.52 2.33 -5.89
C LEU A 222 -5.99 3.18 -4.74
N ILE A 223 -6.03 2.64 -3.52
CA ILE A 223 -5.66 3.39 -2.29
C ILE A 223 -5.17 2.38 -1.26
N THR A 224 -4.20 2.79 -0.45
CA THR A 224 -3.60 1.93 0.60
C THR A 224 -3.63 2.69 1.92
N LEU A 225 -4.02 2.00 2.98
CA LEU A 225 -3.85 2.51 4.37
C LEU A 225 -2.74 1.70 5.03
N LEU A 226 -1.75 2.40 5.58
CA LEU A 226 -0.52 1.79 6.13
C LEU A 226 -0.46 2.14 7.62
N GLN A 227 -0.31 1.13 8.47
CA GLN A 227 -0.11 1.30 9.93
C GLN A 227 1.35 0.98 10.26
N GLN A 228 2.02 1.92 10.93
CA GLN A 228 3.45 1.76 11.31
C GLN A 228 3.65 2.35 12.71
N ASN A 229 4.61 1.83 13.47
CA ASN A 229 4.98 2.43 14.78
C ASN A 229 6.48 2.77 14.83
N LEU A 230 7.25 2.47 13.79
CA LEU A 230 8.72 2.68 13.77
C LEU A 230 9.13 3.31 12.45
N PRO A 231 10.21 4.12 12.43
CA PRO A 231 10.72 4.75 11.22
C PRO A 231 11.19 3.75 10.16
N GLY A 232 11.25 4.20 8.91
CA GLY A 232 11.75 3.40 7.78
C GLY A 232 11.06 3.76 6.48
N LEU A 233 9.82 4.26 6.55
CA LEU A 233 9.04 4.63 5.36
C LEU A 233 9.54 5.99 4.85
N GLN A 234 9.81 6.09 3.56
CA GLN A 234 10.30 7.33 2.91
C GLN A 234 9.49 7.56 1.64
N GLN A 235 9.30 8.83 1.30
CA GLN A 235 8.51 9.23 0.11
C GLN A 235 9.42 9.99 -0.84
N LEU A 236 9.23 9.80 -2.14
CA LEU A 236 9.93 10.58 -3.19
C LEU A 236 9.14 11.85 -3.50
N ILE A 237 9.79 13.02 -3.34
CA ILE A 237 9.24 14.35 -3.72
C ILE A 237 10.08 14.91 -4.89
N GLU A 238 9.94 16.20 -5.21
CA GLU A 238 10.58 16.85 -6.40
C GLU A 238 12.11 16.68 -6.35
N ASP A 239 12.74 16.66 -7.54
CA ASP A 239 14.21 16.74 -7.76
C ASP A 239 14.91 15.51 -7.18
N ALA A 240 14.25 14.34 -7.23
CA ALA A 240 14.76 13.05 -6.71
C ALA A 240 15.12 13.18 -5.23
N LYS A 241 14.39 13.99 -4.46
CA LYS A 241 14.54 14.14 -2.99
C LYS A 241 13.65 13.12 -2.29
N TRP A 242 14.23 12.32 -1.38
CA TRP A 242 13.48 11.43 -0.47
C TRP A 242 13.29 12.13 0.86
N ILE A 243 12.10 11.98 1.47
CA ILE A 243 11.80 12.45 2.85
C ILE A 243 11.32 11.27 3.68
N ALA A 244 11.48 11.37 5.00
CA ALA A 244 11.08 10.35 5.98
C ALA A 244 9.64 10.66 6.44
N VAL A 245 8.76 9.66 6.42
CA VAL A 245 7.35 9.78 6.89
C VAL A 245 7.33 9.42 8.38
N GLU A 246 7.13 10.42 9.24
CA GLU A 246 7.08 10.30 10.72
C GLU A 246 6.11 9.20 11.12
N PRO A 247 6.55 8.15 11.85
CA PRO A 247 5.62 7.17 12.40
C PRO A 247 4.77 7.76 13.53
N ILE A 248 3.45 7.71 13.34
CA ILE A 248 2.40 8.02 14.36
C ILE A 248 1.65 6.72 14.60
N PRO A 249 1.94 5.98 15.70
CA PRO A 249 1.38 4.65 15.89
C PRO A 249 -0.16 4.57 15.81
N THR A 250 -0.87 5.65 16.13
CA THR A 250 -2.35 5.67 16.16
C THR A 250 -2.93 6.28 14.89
N ALA A 251 -2.09 6.66 13.92
CA ALA A 251 -2.54 7.21 12.62
C ALA A 251 -2.49 6.12 11.55
N PHE A 252 -3.15 6.37 10.41
CA PHE A 252 -2.89 5.63 9.16
C PHE A 252 -2.22 6.56 8.17
N VAL A 253 -1.18 6.06 7.51
CA VAL A 253 -0.63 6.70 6.30
C VAL A 253 -1.54 6.30 5.15
N VAL A 254 -2.03 7.27 4.39
CA VAL A 254 -2.84 7.02 3.17
C VAL A 254 -1.90 7.22 1.96
N ASN A 255 -1.71 6.17 1.16
CA ASN A 255 -0.92 6.20 -0.10
C ASN A 255 -1.90 6.09 -1.27
N LEU A 256 -1.98 7.11 -2.13
CA LEU A 256 -2.81 7.02 -3.36
C LEU A 256 -2.09 6.13 -4.36
N GLY A 257 -2.84 5.22 -4.97
CA GLY A 257 -2.28 4.23 -5.90
C GLY A 257 -2.21 4.72 -7.33
N LEU A 258 -1.48 3.99 -8.17
CA LEU A 258 -1.32 4.31 -9.60
C LEU A 258 -2.70 4.26 -10.27
N THR A 259 -3.60 3.37 -9.83
CA THR A 259 -4.97 3.26 -10.39
C THR A 259 -5.74 4.57 -10.16
N LEU A 260 -5.62 5.18 -8.99
CA LEU A 260 -6.34 6.45 -8.69
C LEU A 260 -5.70 7.58 -9.51
N LYS A 261 -4.37 7.58 -9.66
CA LYS A 261 -3.68 8.57 -10.53
C LYS A 261 -4.34 8.53 -11.92
N VAL A 262 -4.55 7.33 -12.48
CA VAL A 262 -5.14 7.17 -13.84
C VAL A 262 -6.59 7.66 -13.82
N ILE A 263 -7.41 7.19 -12.87
CA ILE A 263 -8.87 7.48 -12.86
C ILE A 263 -9.07 9.00 -12.71
N THR A 264 -8.22 9.69 -11.96
CA THR A 264 -8.33 11.17 -11.76
C THR A 264 -7.67 11.93 -12.91
N ASN A 265 -7.15 11.23 -13.93
CA ASN A 265 -6.45 11.84 -15.10
C ASN A 265 -5.29 12.71 -14.59
N GLU A 266 -4.59 12.24 -13.56
CA GLU A 266 -3.39 12.87 -12.95
C GLU A 266 -3.76 14.17 -12.21
N LYS A 267 -5.04 14.43 -11.93
CA LYS A 267 -5.43 15.54 -11.02
C LYS A 267 -4.87 15.23 -9.63
N PHE A 268 -4.82 13.95 -9.25
CA PHE A 268 -4.21 13.47 -8.00
C PHE A 268 -2.84 12.85 -8.32
N GLU A 269 -1.89 13.01 -7.41
CA GLU A 269 -0.56 12.33 -7.45
C GLU A 269 -0.72 10.93 -6.86
N GLY A 270 -0.03 9.94 -7.42
CA GLY A 270 0.25 8.67 -6.73
C GLY A 270 1.43 8.85 -5.79
N SER A 271 1.47 8.10 -4.70
CA SER A 271 2.59 8.09 -3.72
C SER A 271 3.71 7.16 -4.19
N ILE A 272 4.90 7.70 -4.46
CA ILE A 272 6.12 6.88 -4.66
C ILE A 272 6.85 6.82 -3.32
N HIS A 273 7.04 5.61 -2.80
CA HIS A 273 7.59 5.41 -1.44
C HIS A 273 8.50 4.17 -1.42
N ARG A 274 9.34 4.10 -0.41
CA ARG A 274 10.29 2.98 -0.19
C ARG A 274 10.44 2.77 1.32
N VAL A 275 11.06 1.67 1.69
CA VAL A 275 11.37 1.36 3.11
C VAL A 275 12.86 1.03 3.21
N VAL A 276 13.54 1.71 4.12
CA VAL A 276 14.99 1.48 4.39
C VAL A 276 15.10 0.49 5.55
N THR A 277 16.22 -0.22 5.59
CA THR A 277 16.54 -1.22 6.64
C THR A 277 17.15 -0.52 7.85
N ASN A 278 17.19 -1.23 8.97
CA ASN A 278 17.73 -0.75 10.27
C ASN A 278 18.76 -1.77 10.72
N PRO A 279 19.95 -1.34 11.21
CA PRO A 279 20.97 -2.30 11.64
C PRO A 279 20.64 -3.02 12.95
N THR A 280 19.81 -2.42 13.82
CA THR A 280 19.67 -2.81 15.25
C THR A 280 18.31 -3.48 15.54
N ARG A 281 17.21 -2.97 14.98
CA ARG A 281 15.84 -3.39 15.38
C ARG A 281 15.01 -3.86 14.17
N ASP A 282 14.05 -4.75 14.43
CA ASP A 282 13.06 -5.18 13.42
C ASP A 282 11.95 -4.13 13.34
N ARG A 283 11.11 -4.25 12.32
CA ARG A 283 9.98 -3.34 12.07
C ARG A 283 8.87 -4.17 11.44
N VAL A 284 7.64 -3.96 11.90
CA VAL A 284 6.43 -4.57 11.29
C VAL A 284 5.55 -3.42 10.83
N SER A 285 5.06 -3.49 9.60
CA SER A 285 4.04 -2.55 9.08
C SER A 285 2.86 -3.36 8.56
N ILE A 286 1.68 -2.75 8.56
CA ILE A 286 0.43 -3.38 8.08
C ILE A 286 -0.12 -2.51 6.96
N ALA A 287 -0.07 -3.00 5.74
CA ALA A 287 -0.56 -2.30 4.54
C ALA A 287 -1.87 -2.95 4.09
N THR A 288 -2.94 -2.17 4.03
CA THR A 288 -4.23 -2.62 3.46
C THR A 288 -4.38 -2.00 2.08
N LEU A 289 -4.20 -2.82 1.04
CA LEU A 289 -4.19 -2.39 -0.38
C LEU A 289 -5.58 -2.67 -0.95
N ILE A 290 -6.37 -1.62 -1.15
CA ILE A 290 -7.74 -1.76 -1.73
C ILE A 290 -7.67 -1.35 -3.20
N GLY A 291 -8.34 -2.09 -4.06
CA GLY A 291 -8.36 -1.76 -5.48
C GLY A 291 -9.24 -2.69 -6.29
N PRO A 292 -9.18 -2.53 -7.62
CA PRO A 292 -10.06 -3.24 -8.53
C PRO A 292 -9.87 -4.76 -8.49
N ASP A 293 -10.90 -5.47 -8.93
CA ASP A 293 -10.79 -6.89 -9.37
C ASP A 293 -9.97 -6.93 -10.66
N TYR A 294 -9.30 -8.06 -10.91
CA TYR A 294 -8.42 -8.27 -12.10
C TYR A 294 -9.24 -8.19 -13.38
N SER A 295 -10.57 -8.35 -13.30
CA SER A 295 -11.48 -8.30 -14.47
C SER A 295 -11.82 -6.85 -14.87
N CYS A 296 -11.43 -5.86 -14.08
CA CYS A 296 -11.83 -4.44 -14.27
C CYS A 296 -11.14 -3.82 -15.48
N THR A 297 -11.84 -2.89 -16.14
CA THR A 297 -11.26 -1.95 -17.13
C THR A 297 -11.00 -0.62 -16.41
N ILE A 298 -9.77 -0.13 -16.47
CA ILE A 298 -9.35 1.14 -15.82
C ILE A 298 -9.28 2.21 -16.90
N GLU A 299 -9.88 3.37 -16.64
CA GLU A 299 -9.72 4.55 -17.52
C GLU A 299 -9.96 5.82 -16.70
N PRO A 300 -9.48 6.98 -17.19
CA PRO A 300 -9.84 8.26 -16.60
C PRO A 300 -11.38 8.41 -16.51
N ALA A 301 -11.88 8.83 -15.35
CA ALA A 301 -13.32 9.05 -15.10
C ALA A 301 -13.87 9.97 -16.19
N LYS A 302 -14.82 9.46 -16.99
CA LYS A 302 -15.38 10.20 -18.15
C LYS A 302 -16.06 11.49 -17.69
N GLU A 303 -16.59 11.49 -16.46
CA GLU A 303 -17.32 12.63 -15.83
C GLU A 303 -16.39 13.86 -15.73
N LEU A 304 -15.07 13.66 -15.66
CA LEU A 304 -14.07 14.73 -15.40
C LEU A 304 -13.42 15.20 -16.71
N LEU A 305 -13.58 14.47 -17.81
CA LEU A 305 -12.86 14.76 -19.08
C LEU A 305 -13.57 15.88 -19.84
N SER A 306 -12.83 16.57 -20.71
CA SER A 306 -13.30 17.65 -21.61
C SER A 306 -12.18 17.99 -22.60
N GLN A 307 -12.43 18.94 -23.50
CA GLN A 307 -11.41 19.44 -24.46
C GLN A 307 -10.26 20.08 -23.68
N ASP A 308 -10.55 20.69 -22.52
CA ASP A 308 -9.53 21.33 -21.63
C ASP A 308 -8.83 20.25 -20.80
N ASN A 309 -9.49 19.12 -20.54
CA ASN A 309 -8.95 18.00 -19.71
C ASN A 309 -9.06 16.69 -20.49
N PRO A 310 -8.30 16.52 -21.61
CA PRO A 310 -8.39 15.30 -22.40
C PRO A 310 -7.79 14.12 -21.64
N PRO A 311 -8.26 12.88 -21.88
CA PRO A 311 -7.73 11.71 -21.17
C PRO A 311 -6.24 11.53 -21.49
N LEU A 312 -5.44 11.22 -20.46
CA LEU A 312 -3.98 10.99 -20.57
C LEU A 312 -3.69 9.49 -20.63
N TYR A 313 -4.72 8.65 -20.45
CA TYR A 313 -4.63 7.17 -20.57
C TYR A 313 -5.82 6.66 -21.37
N LYS A 314 -5.57 5.67 -22.24
CA LYS A 314 -6.63 4.87 -22.90
C LYS A 314 -7.09 3.80 -21.92
N PRO A 315 -8.33 3.28 -22.06
CA PRO A 315 -8.80 2.19 -21.20
C PRO A 315 -7.90 0.95 -21.29
N TYR A 316 -7.67 0.27 -20.17
CA TYR A 316 -6.81 -0.93 -20.12
C TYR A 316 -7.35 -1.94 -19.11
N SER A 317 -6.97 -3.21 -19.32
CA SER A 317 -7.26 -4.36 -18.44
C SER A 317 -6.41 -4.25 -17.18
N TYR A 318 -7.03 -4.29 -16.01
CA TYR A 318 -6.30 -4.27 -14.71
C TYR A 318 -5.35 -5.49 -14.65
N ALA A 319 -5.78 -6.65 -15.16
CA ALA A 319 -4.97 -7.88 -15.19
C ALA A 319 -3.72 -7.67 -16.05
N GLU A 320 -3.88 -7.03 -17.21
CA GLU A 320 -2.75 -6.75 -18.15
C GLU A 320 -1.78 -5.79 -17.47
N PHE A 321 -2.30 -4.71 -16.92
CA PHE A 321 -1.54 -3.72 -16.10
C PHE A 321 -0.79 -4.47 -14.99
N GLY A 322 -1.49 -5.34 -14.26
CA GLY A 322 -0.95 -6.04 -13.08
C GLY A 322 0.29 -6.83 -13.44
N GLU A 323 0.28 -7.53 -14.57
CA GLU A 323 1.41 -8.38 -15.02
C GLU A 323 2.64 -7.50 -15.23
N ILE A 324 2.48 -6.35 -15.89
CA ILE A 324 3.58 -5.38 -16.17
C ILE A 324 4.03 -4.79 -14.83
N TYR A 325 3.08 -4.30 -14.03
CA TYR A 325 3.35 -3.61 -12.74
C TYR A 325 4.22 -4.50 -11.85
N LEU A 326 3.90 -5.80 -11.79
CA LEU A 326 4.57 -6.75 -10.87
C LEU A 326 5.94 -7.20 -11.43
N SER A 327 6.23 -6.96 -12.72
CA SER A 327 7.46 -7.50 -13.37
C SER A 327 8.43 -6.39 -13.77
N ASP A 328 7.96 -5.32 -14.39
CA ASP A 328 8.79 -4.25 -15.01
C ASP A 328 8.96 -3.09 -14.04
N LYS A 329 10.17 -2.89 -13.50
CA LYS A 329 10.49 -1.80 -12.55
C LYS A 329 11.53 -0.85 -13.18
N SER A 330 11.57 -0.77 -14.52
CA SER A 330 12.46 0.14 -15.27
C SER A 330 12.11 1.60 -14.95
N ASP A 331 10.83 1.87 -14.67
CA ASP A 331 10.33 3.19 -14.20
C ASP A 331 9.18 2.94 -13.23
N TYR A 332 8.93 3.89 -12.34
CA TYR A 332 7.87 3.77 -11.30
C TYR A 332 6.52 3.51 -11.97
N ASP A 333 6.26 4.14 -13.13
CA ASP A 333 4.94 4.02 -13.81
C ASP A 333 5.04 3.13 -15.06
N ALA A 334 6.00 2.20 -15.12
CA ALA A 334 6.15 1.22 -16.22
C ALA A 334 4.81 0.51 -16.48
N GLY A 335 4.03 0.25 -15.42
CA GLY A 335 2.74 -0.45 -15.51
C GLY A 335 1.76 0.27 -16.41
N VAL A 336 1.77 1.61 -16.43
CA VAL A 336 0.75 2.41 -17.17
C VAL A 336 1.36 3.05 -18.43
N LYS A 337 2.67 2.98 -18.63
CA LYS A 337 3.37 3.60 -19.79
C LYS A 337 2.73 3.17 -21.11
N PRO A 338 2.41 1.87 -21.33
CA PRO A 338 1.83 1.42 -22.60
C PRO A 338 0.47 2.05 -22.95
N TYR A 339 -0.23 2.63 -21.97
CA TYR A 339 -1.62 3.12 -22.12
C TYR A 339 -1.66 4.66 -22.16
N LYS A 340 -0.51 5.33 -22.12
CA LYS A 340 -0.43 6.82 -22.13
C LYS A 340 -0.83 7.33 -23.52
N ILE A 341 -1.62 8.40 -23.55
CA ILE A 341 -2.08 9.11 -24.78
C ILE A 341 -2.09 10.62 -24.51
N ASN A 342 -2.28 11.43 -25.56
CA ASN A 342 -2.42 12.91 -25.47
C ASN A 342 -1.23 13.50 -24.70
SR SR B . -6.93 -23.78 6.21
SR SR C . 11.30 -23.01 3.35
C1 EDO D . 18.36 8.77 -1.71
O1 EDO D . 18.53 8.78 -0.31
C2 EDO D . 19.23 7.80 -2.42
O2 EDO D . 18.51 6.88 -3.22
C1 EDO E . 0.45 -20.61 10.08
O1 EDO E . -0.14 -20.64 11.37
C2 EDO E . -0.20 -21.55 9.14
O2 EDO E . -1.57 -21.31 8.98
C FMT F . 1.70 -3.75 22.38
O1 FMT F . 1.08 -4.53 23.07
O2 FMT F . 1.22 -2.66 21.88
FE FE2 G . 3.69 0.42 -0.94
C1 AKG H . 3.81 -1.78 0.86
O1 AKG H . 3.36 -1.52 -0.25
O2 AKG H . 3.63 -2.89 1.40
C2 AKG H . 4.48 -0.85 1.50
O5 AKG H . 4.76 0.19 0.88
C3 AKG H . 4.84 -0.94 2.96
C4 AKG H . 5.56 0.28 3.52
C5 AKG H . 6.02 0.20 4.96
O3 AKG H . 5.94 1.24 5.65
O4 AKG H . 6.47 -0.88 5.39
C10 HYO I . 3.40 -6.21 -3.51
C13 HYO I . 0.65 -6.12 -5.07
C15 HYO I . -1.08 -5.30 -6.61
C17 HYO I . -0.98 -6.35 -7.53
C20 HYO I . -1.94 -3.87 -8.35
C21 HYO I . -1.83 -4.90 -9.26
C05 HYO I . 4.25 -3.56 -4.14
C06 HYO I . 3.78 -5.09 -2.54
C07 HYO I . 3.00 -3.00 -3.44
C08 HYO I . 2.67 -4.05 -2.39
C09 HYO I . 3.92 -4.50 -5.30
C11 HYO I . 3.05 -5.68 -4.91
C12 HYO I . 5.63 -3.52 -2.16
C14 HYO I . -0.70 -5.49 -5.16
C16 HYO I . -1.74 -6.32 -4.41
C18 HYO I . -1.56 -4.07 -7.03
C19 HYO I . -1.34 -6.13 -8.86
N04 HYO I . 4.91 -4.37 -3.13
O01 HYO I . 1.71 -5.18 -4.91
O02 HYO I . 0.88 -7.31 -5.10
O03 HYO I . -3.02 -5.68 -4.45
C FMT J . -0.40 19.25 -8.51
O1 FMT J . -0.33 20.23 -7.80
O2 FMT J . 0.39 18.21 -8.41
C FMT K . -15.81 -13.83 9.40
O1 FMT K . -16.22 -14.69 8.66
O2 FMT K . -14.94 -14.02 10.35
C1 EDO L . -5.84 17.58 16.05
O1 EDO L . -4.55 17.33 16.58
C2 EDO L . -5.83 18.56 14.94
O2 EDO L . -7.05 19.23 14.74
C FMT M . 10.62 -20.60 7.92
O1 FMT M . 10.64 -19.45 8.33
O2 FMT M . 11.64 -21.22 7.41
#